data_8EXR
#
_entry.id   8EXR
#
_cell.length_a   1.00
_cell.length_b   1.00
_cell.length_c   1.00
_cell.angle_alpha   90.00
_cell.angle_beta   90.00
_cell.angle_gamma   90.00
#
_symmetry.space_group_name_H-M   'P 1'
#
loop_
_entity.id
_entity.type
_entity.pdbx_description
1 polymer 'Beta-lactam sensor/signal transducer BlaR1'
2 non-polymer 'ZINC ION'
3 non-polymer '(2S)-3-{[{[(2S)-2,3-DIHYDROXYPROPYL]OXY}(HYDROXY)PHOSPHORYL]OXY}-2-[(6E)-HEXADEC-6-ENOYLOXY]PROPYL (8E)-OCTADEC-8-ENOATE'
4 non-polymer 'PHOSPHATE ION'
#
_entity_poly.entity_id   1
_entity_poly.type   'polypeptide(L)'
_entity_poly.pdbx_seq_one_letter_code
;MAKLLIMSIVSFCFIFLLLLFFRYILKRYFNYMLNYKVWYLTLLAGLIPFIPIKFSLFKFNNVNNQAPTVESKSHDLNHN
INTTKPIQEFATDIHKFNWDSIDNICTVIWIVLVIILSFKFLKALLYLKYLKKQSLYLNENEKNKIDTILFNHQYKKNIV
IRKAETIQSPITFWYGKYIILIPSSYFKSVIDKRLKYIILHEYAHAKNRDTLHLIIFNIFSIIMSYNPLVHIVKRKIIHD
NEVEADRFVLNNINKNEFKTYAESIMDSVLNVPFFNKNILSHSFNGKKSLLKRRLINIKEANLKKQSKLILIFICIFTFL
LMVIQSQFLMGQSITDYNYKKPLHNDYQILDKSKIFGSNSGSFVMYSMKKDKYYIYNEKESRKRYSPNSTYKIYLAMFGL
DRHIINDENSRMSWNHKHYPFDAWNKEQDLNTAMQNSVNWYFERISDQIPKNYTATQLKQLNYGNKNLGSYKSYWMEDSL
KISNLEQVIVFKNMMEQNNHFSKKAKNQLSSSLLIKKNEKYELYGKTGTGIVNGKYNNGWFVGYVITNHDKYYFATHLSD
GKPSGKNAELISEKILKEMGVLNGQELALVPRGSSAHHHHHH
;
_entity_poly.pdbx_strand_id   B,A,C
#
# COMPACT_ATOMS: atom_id res chain seq x y z
N MET A 1 -25.84 20.78 17.55
CA MET A 1 -24.66 20.92 18.39
C MET A 1 -23.44 20.46 17.65
N ALA A 2 -23.57 19.36 16.93
CA ALA A 2 -22.45 18.75 16.24
C ALA A 2 -22.10 19.50 14.99
N LYS A 3 -22.83 20.58 14.74
CA LYS A 3 -22.56 21.46 13.63
C LYS A 3 -21.13 21.91 13.77
N LEU A 4 -20.67 22.02 15.02
CA LEU A 4 -19.31 22.37 15.25
C LEU A 4 -18.38 21.39 14.62
N LEU A 5 -18.70 20.11 14.70
CA LEU A 5 -17.80 19.13 14.16
C LEU A 5 -17.70 19.34 12.72
N ILE A 6 -18.82 19.58 12.11
CA ILE A 6 -18.75 19.73 10.71
C ILE A 6 -17.84 20.87 10.39
N MET A 7 -17.95 21.95 11.13
CA MET A 7 -17.06 23.06 10.89
C MET A 7 -15.62 22.61 11.02
N SER A 8 -15.34 21.82 12.06
CA SER A 8 -14.01 21.33 12.34
C SER A 8 -13.45 20.52 11.20
N ILE A 9 -14.27 19.65 10.65
CA ILE A 9 -13.83 18.81 9.58
C ILE A 9 -13.44 19.66 8.39
N VAL A 10 -14.25 20.65 8.10
CA VAL A 10 -13.92 21.49 6.99
C VAL A 10 -12.59 22.21 7.20
N SER A 11 -12.38 22.78 8.35
CA SER A 11 -11.14 23.50 8.56
C SER A 11 -9.95 22.59 8.39
N PHE A 12 -10.05 21.39 8.96
CA PHE A 12 -8.95 20.45 8.87
C PHE A 12 -8.61 20.21 7.44
N CYS A 13 -9.62 19.87 6.65
CA CYS A 13 -9.30 19.51 5.29
C CYS A 13 -8.70 20.66 4.51
N PHE A 14 -9.05 21.88 4.85
CA PHE A 14 -8.50 23.01 4.15
C PHE A 14 -6.99 23.08 4.22
N ILE A 15 -6.46 23.08 5.43
CA ILE A 15 -5.00 23.13 5.55
C ILE A 15 -4.38 21.90 4.99
N PHE A 16 -4.97 20.77 5.28
CA PHE A 16 -4.48 19.52 4.78
C PHE A 16 -4.22 19.61 3.28
N LEU A 17 -5.21 20.08 2.53
CA LEU A 17 -5.01 20.17 1.12
C LEU A 17 -3.92 21.14 0.78
N LEU A 18 -3.83 22.23 1.50
CA LEU A 18 -2.80 23.19 1.23
C LEU A 18 -1.41 22.58 1.28
N LEU A 19 -1.13 21.79 2.29
CA LEU A 19 0.21 21.23 2.31
C LEU A 19 0.45 20.26 1.19
N LEU A 20 -0.55 19.45 0.92
CA LEU A 20 -0.38 18.44 -0.09
C LEU A 20 -0.11 19.11 -1.38
N PHE A 21 -0.81 20.20 -1.59
CA PHE A 21 -0.66 21.00 -2.76
C PHE A 21 0.77 21.40 -3.01
N PHE A 22 1.44 21.97 -2.02
CA PHE A 22 2.80 22.41 -2.27
C PHE A 22 3.82 21.34 -2.58
N ARG A 23 3.69 20.23 -1.87
CA ARG A 23 4.64 19.15 -1.98
C ARG A 23 4.98 18.67 -3.35
N TYR A 24 4.00 18.57 -4.21
CA TYR A 24 4.28 17.98 -5.49
C TYR A 24 5.41 18.64 -6.21
N ILE A 25 5.33 19.94 -6.39
CA ILE A 25 6.32 20.70 -7.10
C ILE A 25 7.64 20.69 -6.43
N LEU A 26 7.61 20.85 -5.13
CA LEU A 26 8.85 20.99 -4.42
C LEU A 26 9.74 19.78 -4.66
N LYS A 27 9.17 18.60 -4.71
CA LYS A 27 10.02 17.49 -5.03
C LYS A 27 10.15 17.36 -6.54
N ARG A 28 9.03 17.35 -7.25
CA ARG A 28 8.97 17.13 -8.70
C ARG A 28 9.92 17.99 -9.51
N TYR A 29 10.04 19.26 -9.12
CA TYR A 29 10.90 20.15 -9.85
C TYR A 29 12.16 20.52 -9.07
N PHE A 30 12.08 20.59 -7.75
CA PHE A 30 13.28 21.02 -7.04
C PHE A 30 13.97 20.02 -6.16
N ASN A 31 13.42 18.83 -6.02
CA ASN A 31 13.98 17.81 -5.17
C ASN A 31 14.23 18.25 -3.75
N TYR A 32 13.29 18.98 -3.17
CA TYR A 32 13.46 19.33 -1.77
C TYR A 32 12.70 18.45 -0.86
N MET A 33 13.28 18.21 0.28
CA MET A 33 12.58 17.52 1.30
C MET A 33 11.79 18.58 1.96
N LEU A 34 10.63 18.22 2.39
CA LEU A 34 9.81 19.18 3.07
C LEU A 34 9.96 18.90 4.53
N ASN A 35 10.29 19.89 5.33
CA ASN A 35 10.50 19.53 6.70
C ASN A 35 9.17 19.33 7.36
N TYR A 36 8.91 18.06 7.54
CA TYR A 36 7.73 17.46 8.05
C TYR A 36 7.20 18.11 9.32
N LYS A 37 8.02 18.80 10.10
CA LYS A 37 7.47 19.30 11.34
C LYS A 37 6.28 20.20 11.09
N VAL A 38 6.19 20.76 9.91
CA VAL A 38 5.11 21.66 9.56
C VAL A 38 3.75 21.03 9.78
N TRP A 39 3.67 19.73 9.72
CA TRP A 39 2.42 19.06 9.85
C TRP A 39 1.67 19.30 11.14
N TYR A 40 2.35 19.68 12.22
CA TYR A 40 1.63 19.92 13.48
C TYR A 40 0.62 21.04 13.32
N LEU A 41 0.86 21.90 12.37
CA LEU A 41 0.01 23.02 12.19
C LEU A 41 -1.34 22.62 11.71
N THR A 42 -1.46 21.48 11.06
CA THR A 42 -2.76 21.11 10.59
C THR A 42 -3.66 20.91 11.76
N LEU A 43 -3.13 20.23 12.77
CA LEU A 43 -3.92 19.94 13.94
C LEU A 43 -4.36 21.21 14.59
N LEU A 44 -3.41 22.13 14.74
CA LEU A 44 -3.77 23.33 15.42
C LEU A 44 -4.85 24.05 14.71
N ALA A 45 -4.65 24.25 13.43
CA ALA A 45 -5.62 25.02 12.72
C ALA A 45 -6.95 24.35 12.75
N GLY A 46 -6.95 23.04 12.60
CA GLY A 46 -8.16 22.29 12.54
C GLY A 46 -8.99 22.46 13.77
N LEU A 47 -8.33 22.64 14.91
CA LEU A 47 -9.04 22.78 16.15
C LEU A 47 -9.41 24.19 16.53
N ILE A 48 -9.08 25.18 15.72
CA ILE A 48 -9.41 26.53 16.11
C ILE A 48 -10.88 26.72 16.33
N PRO A 49 -11.78 26.22 15.47
CA PRO A 49 -13.20 26.34 15.62
C PRO A 49 -13.71 25.96 17.00
N PHE A 50 -13.01 25.12 17.74
CA PHE A 50 -13.51 24.76 19.05
C PHE A 50 -13.46 25.91 20.04
N ILE A 51 -12.68 26.94 19.74
CA ILE A 51 -12.53 28.04 20.66
C ILE A 51 -13.75 28.93 20.68
N PRO A 52 -14.32 29.22 21.84
CA PRO A 52 -15.47 30.04 21.98
C PRO A 52 -15.08 31.48 21.86
N ILE A 53 -14.71 31.87 20.66
CA ILE A 53 -14.25 33.21 20.38
C ILE A 53 -15.26 34.26 20.67
N LYS A 54 -16.52 33.96 20.41
CA LYS A 54 -17.56 34.93 20.65
C LYS A 54 -17.17 36.27 20.08
N PHE A 55 -16.52 36.26 18.94
CA PHE A 55 -15.94 37.44 18.39
C PHE A 55 -15.21 37.14 17.11
N ASN A 98 -36.44 15.14 16.64
CA ASN A 98 -36.20 16.14 15.62
C ASN A 98 -34.87 15.87 14.96
N TRP A 99 -34.50 16.68 14.00
CA TRP A 99 -33.24 16.46 13.30
C TRP A 99 -32.02 16.38 14.22
N ASP A 100 -32.05 17.04 15.38
CA ASP A 100 -30.89 17.07 16.27
C ASP A 100 -30.75 15.83 17.13
N SER A 101 -31.63 14.88 16.93
CA SER A 101 -31.57 13.61 17.60
C SER A 101 -30.25 12.99 17.22
N ILE A 102 -29.83 13.22 15.97
CA ILE A 102 -28.59 12.62 15.54
C ILE A 102 -27.42 13.04 16.40
N ASP A 103 -27.47 14.22 16.98
CA ASP A 103 -26.39 14.64 17.81
C ASP A 103 -26.53 13.91 19.12
N ASN A 104 -27.76 13.59 19.51
CA ASN A 104 -27.91 12.87 20.78
C ASN A 104 -27.09 11.60 20.67
N ILE A 105 -27.03 11.06 19.45
CA ILE A 105 -26.25 9.88 19.16
C ILE A 105 -24.76 10.15 18.96
N CYS A 106 -24.41 11.15 18.13
CA CYS A 106 -23.02 11.37 17.82
C CYS A 106 -22.25 11.66 19.10
N THR A 107 -22.98 12.14 20.10
CA THR A 107 -22.47 12.40 21.42
C THR A 107 -21.59 11.30 21.93
N VAL A 108 -22.01 10.06 21.76
CA VAL A 108 -21.22 9.01 22.33
C VAL A 108 -20.38 8.31 21.33
N ILE A 109 -20.60 8.55 20.06
CA ILE A 109 -19.73 7.93 19.09
C ILE A 109 -18.33 8.37 19.43
N TRP A 110 -18.21 9.65 19.72
CA TRP A 110 -16.94 10.20 20.09
C TRP A 110 -16.32 9.47 21.24
N ILE A 111 -17.09 9.33 22.29
CA ILE A 111 -16.60 8.72 23.49
C ILE A 111 -16.15 7.31 23.26
N VAL A 112 -16.96 6.54 22.55
CA VAL A 112 -16.61 5.15 22.31
C VAL A 112 -15.34 5.02 21.53
N LEU A 113 -15.16 5.82 20.49
CA LEU A 113 -13.96 5.70 19.72
C LEU A 113 -12.77 5.97 20.57
N VAL A 114 -12.85 6.95 21.44
CA VAL A 114 -11.70 7.22 22.25
C VAL A 114 -11.38 6.04 23.09
N ILE A 115 -12.39 5.41 23.66
CA ILE A 115 -12.16 4.28 24.53
C ILE A 115 -11.46 3.16 23.79
N ILE A 116 -11.91 2.86 22.57
CA ILE A 116 -11.28 1.80 21.82
C ILE A 116 -9.83 2.14 21.54
N LEU A 117 -9.61 3.36 21.13
CA LEU A 117 -8.29 3.78 20.83
C LEU A 117 -7.44 3.77 22.08
N SER A 118 -8.02 4.06 23.23
CA SER A 118 -7.25 4.02 24.44
C SER A 118 -6.65 2.65 24.53
N PHE A 119 -7.48 1.64 24.33
CA PHE A 119 -6.97 0.28 24.29
C PHE A 119 -5.87 0.10 23.28
N LYS A 120 -6.11 0.50 22.05
CA LYS A 120 -5.15 0.28 20.99
C LYS A 120 -3.78 0.79 21.38
N PHE A 121 -3.79 2.02 21.81
CA PHE A 121 -2.62 2.71 22.22
C PHE A 121 -1.89 2.02 23.35
N LEU A 122 -2.63 1.72 24.40
CA LEU A 122 -2.03 1.11 25.54
C LEU A 122 -1.47 -0.22 25.22
N LYS A 123 -2.14 -0.98 24.37
CA LYS A 123 -1.59 -2.26 24.07
C LYS A 123 -0.15 -2.11 23.70
N ALA A 124 0.11 -1.24 22.75
CA ALA A 124 1.49 -1.08 22.37
C ALA A 124 2.35 -0.56 23.52
N LEU A 125 1.81 0.37 24.30
CA LEU A 125 2.62 0.95 25.34
C LEU A 125 3.09 -0.09 26.33
N LEU A 126 2.21 -0.99 26.63
CA LEU A 126 2.52 -2.03 27.56
C LEU A 126 3.61 -2.89 27.00
N TYR A 127 3.55 -3.18 25.73
CA TYR A 127 4.62 -3.97 25.15
C TYR A 127 5.92 -3.27 25.41
N LEU A 128 5.94 -1.97 25.17
CA LEU A 128 7.17 -1.26 25.38
C LEU A 128 7.63 -1.43 26.82
N LYS A 129 6.71 -1.39 27.78
CA LYS A 129 7.14 -1.64 29.14
C LYS A 129 7.99 -2.91 29.19
N TYR A 130 7.40 -3.99 28.65
CA TYR A 130 8.01 -5.32 28.61
C TYR A 130 9.36 -5.38 27.93
N LEU A 131 9.40 -4.85 26.76
CA LEU A 131 10.55 -4.91 25.95
C LEU A 131 11.74 -4.29 26.61
N LYS A 132 11.53 -3.09 27.09
CA LYS A 132 12.61 -2.33 27.65
C LYS A 132 13.34 -3.06 28.73
N LYS A 133 12.60 -3.66 29.62
CA LYS A 133 13.25 -4.24 30.76
C LYS A 133 14.04 -5.51 30.49
N GLN A 134 14.04 -5.99 29.26
CA GLN A 134 14.77 -7.20 29.06
C GLN A 134 16.19 -6.99 28.55
N SER A 135 16.60 -5.76 28.32
CA SER A 135 17.91 -5.47 27.69
C SER A 135 19.16 -5.52 28.57
N LEU A 136 20.34 -5.46 27.90
CA LEU A 136 21.64 -5.42 28.60
C LEU A 136 22.70 -4.56 27.89
N TYR A 137 23.69 -4.10 28.63
CA TYR A 137 24.81 -3.38 28.06
C TYR A 137 25.79 -4.30 27.36
N LEU A 138 26.82 -3.71 26.77
CA LEU A 138 27.76 -4.45 25.95
C LEU A 138 29.20 -4.56 26.42
N ASN A 139 29.88 -5.56 25.82
CA ASN A 139 31.31 -5.84 25.90
C ASN A 139 32.12 -4.72 25.23
N GLU A 140 33.31 -4.44 25.78
CA GLU A 140 34.16 -3.38 25.27
C GLU A 140 34.61 -3.59 23.85
N ASN A 141 34.78 -4.80 23.43
CA ASN A 141 35.32 -4.96 22.11
C ASN A 141 34.29 -4.51 21.11
N GLU A 142 33.03 -4.83 21.36
CA GLU A 142 32.01 -4.36 20.49
C GLU A 142 32.01 -2.88 20.57
N LYS A 143 32.11 -2.35 21.78
CA LYS A 143 32.06 -0.92 21.90
C LYS A 143 33.15 -0.29 21.09
N ASN A 144 34.32 -0.89 21.09
CA ASN A 144 35.42 -0.34 20.37
C ASN A 144 35.11 -0.28 18.89
N LYS A 145 34.42 -1.30 18.40
CA LYS A 145 34.10 -1.35 17.00
C LYS A 145 33.05 -0.31 16.68
N ILE A 146 32.10 -0.22 17.55
CA ILE A 146 31.00 0.66 17.35
C ILE A 146 31.50 2.06 17.29
N ASP A 147 32.36 2.37 18.23
CA ASP A 147 32.93 3.68 18.32
C ASP A 147 33.74 3.94 17.08
N THR A 148 34.49 2.97 16.61
CA THR A 148 35.26 3.22 15.44
C THR A 148 34.36 3.67 14.31
N ILE A 149 33.22 3.02 14.17
CA ILE A 149 32.31 3.44 13.13
C ILE A 149 31.77 4.86 13.36
N LEU A 150 31.31 5.12 14.55
CA LEU A 150 30.64 6.37 14.78
C LEU A 150 31.39 7.59 15.33
N PHE A 151 32.61 7.44 15.78
CA PHE A 151 33.36 8.55 16.39
C PHE A 151 33.48 9.71 15.43
N ASN A 152 33.31 9.43 14.19
CA ASN A 152 33.41 10.41 13.18
C ASN A 152 32.39 11.50 13.40
N HIS A 153 31.24 11.14 13.94
CA HIS A 153 30.23 12.12 14.21
C HIS A 153 30.51 12.80 15.48
N GLN A 154 31.09 12.04 16.41
CA GLN A 154 31.31 12.57 17.75
C GLN A 154 29.98 13.10 18.24
N TYR A 155 28.94 12.30 18.15
CA TYR A 155 27.66 12.86 18.47
C TYR A 155 27.33 13.01 19.92
N LYS A 156 26.18 13.59 20.09
CA LYS A 156 25.61 13.94 21.34
C LYS A 156 25.12 12.71 22.04
N LYS A 157 26.04 12.00 22.68
CA LYS A 157 25.73 10.75 23.31
C LYS A 157 24.90 10.86 24.59
N ASN A 158 23.64 11.26 24.44
CA ASN A 158 22.69 11.36 25.53
C ASN A 158 21.47 10.53 25.16
N ILE A 159 21.76 9.56 24.32
CA ILE A 159 20.87 8.57 23.78
C ILE A 159 21.55 7.26 24.09
N VAL A 160 20.92 6.11 23.92
CA VAL A 160 21.62 4.90 24.39
C VAL A 160 21.72 3.60 23.51
N ILE A 161 22.89 2.95 23.54
CA ILE A 161 23.14 1.70 22.82
C ILE A 161 23.16 0.48 23.67
N ARG A 162 22.26 -0.46 23.41
CA ARG A 162 22.18 -1.68 24.20
C ARG A 162 21.94 -2.92 23.33
N LYS A 163 22.17 -4.12 23.91
CA LYS A 163 22.02 -5.39 23.17
C LYS A 163 20.80 -6.20 23.54
N ALA A 164 20.49 -7.17 22.68
CA ALA A 164 19.36 -8.05 22.90
C ALA A 164 19.59 -9.56 22.73
N GLU A 165 18.76 -10.32 23.40
CA GLU A 165 18.74 -11.78 23.27
C GLU A 165 17.35 -12.20 22.85
N THR A 166 16.64 -11.33 22.16
CA THR A 166 15.29 -11.65 21.81
C THR A 166 14.92 -11.56 20.36
N ILE A 167 14.44 -10.40 19.99
CA ILE A 167 13.83 -10.11 18.71
C ILE A 167 14.84 -10.14 17.59
N GLN A 168 14.48 -10.70 16.44
CA GLN A 168 15.43 -10.85 15.33
C GLN A 168 16.04 -9.59 14.68
N SER A 169 15.27 -8.53 14.55
CA SER A 169 15.78 -7.34 13.90
C SER A 169 15.93 -6.23 14.91
N PRO A 170 16.92 -5.35 14.79
CA PRO A 170 17.06 -4.19 15.63
C PRO A 170 15.93 -3.23 15.42
N ILE A 171 15.48 -2.63 16.50
CA ILE A 171 14.39 -1.66 16.47
C ILE A 171 14.65 -0.45 17.40
N THR A 172 13.81 0.59 17.32
CA THR A 172 13.97 1.69 18.30
C THR A 172 12.70 2.38 18.76
N PHE A 173 12.77 2.90 19.99
CA PHE A 173 11.66 3.66 20.56
C PHE A 173 12.23 4.61 21.60
N TRP A 174 11.39 5.54 22.09
CA TRP A 174 11.87 6.60 22.99
C TRP A 174 11.91 6.57 24.51
N TYR A 175 10.76 6.55 25.18
CA TYR A 175 10.61 6.70 26.64
C TYR A 175 11.18 7.94 27.34
N GLY A 176 12.28 8.46 26.89
CA GLY A 176 12.94 9.53 27.58
C GLY A 176 14.39 9.29 27.48
N LYS A 177 14.75 8.22 26.78
CA LYS A 177 16.17 7.88 26.59
C LYS A 177 16.70 7.60 25.17
N TYR A 178 15.83 7.44 24.17
CA TYR A 178 16.31 7.13 22.82
C TYR A 178 17.05 5.82 22.72
N ILE A 179 16.29 4.75 22.82
CA ILE A 179 16.83 3.43 22.89
C ILE A 179 17.03 2.69 21.60
N ILE A 180 18.29 2.30 21.37
CA ILE A 180 18.72 1.50 20.23
C ILE A 180 19.04 0.10 20.68
N LEU A 181 18.26 -0.84 20.20
CA LEU A 181 18.43 -2.19 20.67
C LEU A 181 18.70 -3.19 19.57
N ILE A 182 19.82 -3.90 19.69
CA ILE A 182 20.16 -4.88 18.67
C ILE A 182 20.59 -6.25 19.26
N PRO A 183 20.17 -7.37 18.70
CA PRO A 183 20.57 -8.69 19.09
C PRO A 183 22.03 -9.01 19.05
N SER A 184 22.40 -9.86 19.99
CA SER A 184 23.73 -10.37 20.21
C SER A 184 24.28 -11.15 19.04
N SER A 185 23.41 -11.74 18.26
CA SER A 185 23.84 -12.52 17.12
C SER A 185 24.61 -11.69 16.13
N TYR A 186 24.37 -10.40 16.13
CA TYR A 186 25.03 -9.53 15.20
C TYR A 186 26.44 -9.22 15.61
N PHE A 187 26.78 -9.32 16.89
CA PHE A 187 28.14 -8.99 17.25
C PHE A 187 28.92 -10.21 17.43
N LYS A 188 28.23 -11.29 17.78
CA LYS A 188 28.94 -12.54 17.92
C LYS A 188 29.50 -12.78 16.56
N SER A 189 28.69 -12.43 15.57
CA SER A 189 29.07 -12.45 14.18
C SER A 189 29.88 -11.17 13.97
N VAL A 190 31.03 -11.09 14.60
CA VAL A 190 31.86 -9.91 14.58
C VAL A 190 32.31 -9.53 13.17
N ILE A 191 32.32 -10.51 12.26
CA ILE A 191 32.69 -10.28 10.88
C ILE A 191 31.49 -10.18 9.96
N ASP A 192 30.32 -9.88 10.52
CA ASP A 192 29.10 -9.70 9.75
C ASP A 192 29.25 -8.56 8.74
N LYS A 193 30.05 -7.55 9.07
CA LYS A 193 30.29 -6.36 8.24
C LYS A 193 29.13 -5.41 8.16
N ARG A 194 27.93 -5.92 7.94
CA ARG A 194 26.70 -5.13 7.81
C ARG A 194 26.45 -4.25 9.00
N LEU A 195 27.17 -4.47 10.07
CA LEU A 195 27.07 -3.67 11.26
C LEU A 195 27.33 -2.25 10.85
N LYS A 196 28.26 -2.07 9.92
CA LYS A 196 28.61 -0.77 9.42
C LYS A 196 27.42 0.03 9.00
N TYR A 197 26.43 -0.61 8.42
CA TYR A 197 25.32 0.13 7.91
C TYR A 197 24.14 0.11 8.87
N ILE A 198 23.89 -1.01 9.51
CA ILE A 198 22.73 -1.12 10.33
C ILE A 198 22.79 -0.16 11.47
N ILE A 199 23.93 -0.11 12.09
CA ILE A 199 24.06 0.73 13.23
C ILE A 199 23.77 2.18 12.89
N LEU A 200 24.33 2.65 11.81
CA LEU A 200 24.12 4.03 11.48
C LEU A 200 22.66 4.35 11.20
N HIS A 201 21.97 3.45 10.53
CA HIS A 201 20.59 3.72 10.23
C HIS A 201 19.84 4.05 11.48
N GLU A 202 20.00 3.25 12.51
CA GLU A 202 19.21 3.59 13.67
C GLU A 202 19.54 4.94 14.19
N TYR A 203 20.82 5.28 14.18
CA TYR A 203 21.19 6.56 14.67
C TYR A 203 20.42 7.62 13.93
N ALA A 204 20.31 7.45 12.64
CA ALA A 204 19.62 8.43 11.87
C ALA A 204 18.20 8.69 12.37
N HIS A 205 17.52 7.69 12.88
CA HIS A 205 16.19 8.01 13.38
C HIS A 205 16.34 8.79 14.65
N ALA A 206 17.36 8.45 15.41
CA ALA A 206 17.53 9.11 16.67
C ALA A 206 17.73 10.60 16.51
N LYS A 207 18.44 10.97 15.48
CA LYS A 207 18.79 12.36 15.32
C LYS A 207 17.63 13.34 15.26
N ASN A 208 16.56 13.01 14.58
CA ASN A 208 15.47 13.97 14.48
C ASN A 208 14.39 13.69 15.46
N ARG A 209 14.67 12.81 16.39
CA ARG A 209 13.73 12.47 17.39
C ARG A 209 12.41 11.97 16.81
N ASP A 210 12.45 11.10 15.80
CA ASP A 210 11.20 10.63 15.20
C ASP A 210 10.31 9.93 16.20
N THR A 211 10.94 9.19 17.09
CA THR A 211 10.26 8.38 18.06
C THR A 211 9.59 9.17 19.14
N LEU A 212 9.90 10.45 19.23
CA LEU A 212 9.30 11.28 20.21
C LEU A 212 8.02 11.83 19.68
N HIS A 213 8.14 12.36 18.49
CA HIS A 213 7.00 12.99 17.92
C HIS A 213 5.92 12.00 17.68
N LEU A 214 6.31 10.82 17.28
CA LEU A 214 5.31 9.87 16.93
C LEU A 214 4.31 9.62 18.03
N ILE A 215 4.78 9.51 19.27
CA ILE A 215 3.92 9.21 20.41
C ILE A 215 3.00 10.33 20.70
N ILE A 216 3.55 11.51 20.73
CA ILE A 216 2.75 12.63 21.06
C ILE A 216 1.67 12.77 20.06
N PHE A 217 2.07 12.70 18.81
CA PHE A 217 1.18 12.91 17.72
C PHE A 217 0.04 11.95 17.83
N ASN A 218 0.36 10.69 18.04
CA ASN A 218 -0.67 9.71 18.17
C ASN A 218 -1.68 10.03 19.26
N ILE A 219 -1.21 10.32 20.44
CA ILE A 219 -2.16 10.52 21.52
C ILE A 219 -3.08 11.64 21.25
N PHE A 220 -2.49 12.73 20.81
CA PHE A 220 -3.25 13.91 20.58
C PHE A 220 -4.35 13.62 19.58
N SER A 221 -3.98 12.94 18.50
CA SER A 221 -4.92 12.58 17.48
C SER A 221 -6.03 11.73 18.03
N ILE A 222 -5.72 10.85 18.98
CA ILE A 222 -6.78 10.03 19.50
C ILE A 222 -7.91 10.84 20.05
N ILE A 223 -7.65 11.89 20.78
CA ILE A 223 -8.83 12.59 21.23
C ILE A 223 -9.60 13.16 20.06
N MET A 224 -8.92 13.74 19.09
CA MET A 224 -9.66 14.21 17.93
C MET A 224 -9.84 13.05 16.96
N SER A 225 -10.64 12.08 17.35
CA SER A 225 -10.83 10.80 16.65
C SER A 225 -11.79 10.84 15.48
N TYR A 226 -12.45 11.95 15.37
CA TYR A 226 -13.51 12.19 14.44
C TYR A 226 -13.21 12.23 12.96
N ASN A 227 -12.04 12.76 12.58
CA ASN A 227 -11.74 13.00 11.18
C ASN A 227 -10.72 12.06 10.62
N PRO A 228 -11.08 11.08 9.79
CA PRO A 228 -10.21 10.06 9.25
C PRO A 228 -9.03 10.63 8.48
N LEU A 229 -9.13 11.85 8.03
CA LEU A 229 -8.01 12.36 7.29
C LEU A 229 -6.78 12.39 8.17
N VAL A 230 -6.95 12.53 9.47
CA VAL A 230 -5.81 12.60 10.35
C VAL A 230 -5.01 11.30 10.29
N HIS A 231 -5.67 10.20 9.94
CA HIS A 231 -5.01 8.92 9.83
C HIS A 231 -4.18 8.89 8.58
N ILE A 232 -4.60 9.63 7.57
CA ILE A 232 -3.77 9.64 6.38
C ILE A 232 -2.46 10.20 6.81
N VAL A 233 -2.56 11.26 7.55
CA VAL A 233 -1.38 11.92 7.96
C VAL A 233 -0.56 11.03 8.85
N LYS A 234 -1.21 10.38 9.79
CA LYS A 234 -0.51 9.47 10.68
C LYS A 234 0.38 8.53 9.90
N ARG A 235 -0.06 8.07 8.74
CA ARG A 235 0.76 7.18 7.97
C ARG A 235 1.79 7.96 7.14
N LYS A 236 1.35 9.00 6.49
CA LYS A 236 2.18 9.71 5.53
C LYS A 236 3.50 10.13 6.08
N ILE A 237 3.46 10.66 7.26
CA ILE A 237 4.65 11.16 7.89
C ILE A 237 5.78 10.14 7.97
N ILE A 238 5.46 8.88 7.99
CA ILE A 238 6.44 7.85 8.12
C ILE A 238 7.32 7.78 6.92
N HIS A 239 6.73 7.93 5.75
CA HIS A 239 7.51 7.75 4.55
C HIS A 239 8.56 8.79 4.50
N ASP A 240 8.21 10.01 4.87
CA ASP A 240 9.27 10.98 4.82
C ASP A 240 10.38 10.63 5.77
N ASN A 241 10.04 10.16 6.96
CA ASN A 241 11.12 9.92 7.87
C ASN A 241 12.07 8.91 7.31
N GLU A 242 11.54 7.87 6.71
CA GLU A 242 12.48 6.92 6.20
C GLU A 242 13.30 7.49 5.06
N VAL A 243 12.73 8.29 4.19
CA VAL A 243 13.57 8.74 3.12
C VAL A 243 14.74 9.51 3.64
N GLU A 244 14.48 10.38 4.57
CA GLU A 244 15.55 11.17 5.08
C GLU A 244 16.63 10.28 5.64
N ALA A 245 16.23 9.23 6.32
CA ALA A 245 17.23 8.36 6.87
C ALA A 245 18.16 7.82 5.79
N ASP A 246 17.64 7.50 4.61
CA ASP A 246 18.55 7.00 3.60
C ASP A 246 19.55 8.05 3.18
N ARG A 247 19.11 9.28 3.07
CA ARG A 247 20.06 10.30 2.70
C ARG A 247 21.17 10.33 3.68
N PHE A 248 20.77 10.26 4.92
CA PHE A 248 21.70 10.36 5.98
C PHE A 248 22.77 9.34 5.80
N VAL A 249 22.38 8.12 5.51
CA VAL A 249 23.38 7.12 5.33
C VAL A 249 24.29 7.36 4.18
N LEU A 250 23.73 7.68 3.03
CA LEU A 250 24.59 7.79 1.89
C LEU A 250 25.62 8.84 2.09
N ASN A 251 25.25 9.89 2.79
CA ASN A 251 26.16 10.98 3.02
C ASN A 251 27.44 10.57 3.76
N ASN A 252 27.43 9.42 4.44
CA ASN A 252 28.59 9.01 5.21
C ASN A 252 29.45 7.93 4.57
N ILE A 253 29.18 7.56 3.33
CA ILE A 253 29.95 6.50 2.66
C ILE A 253 30.38 6.83 1.22
N ASN A 254 31.20 5.96 0.62
CA ASN A 254 31.63 6.12 -0.77
C ASN A 254 30.53 5.72 -1.74
N LYS A 255 30.78 5.84 -3.02
CA LYS A 255 29.79 5.53 -4.00
C LYS A 255 29.88 4.07 -4.32
N ASN A 256 31.09 3.57 -4.17
CA ASN A 256 31.31 2.18 -4.43
C ASN A 256 30.52 1.45 -3.38
N GLU A 257 30.58 2.03 -2.21
CA GLU A 257 29.91 1.56 -1.07
C GLU A 257 28.42 1.73 -1.25
N PHE A 258 27.96 2.80 -1.89
CA PHE A 258 26.53 2.96 -2.07
C PHE A 258 25.96 1.73 -2.68
N LYS A 259 26.61 1.25 -3.72
CA LYS A 259 26.08 0.08 -4.37
C LYS A 259 25.98 -1.04 -3.38
N THR A 260 27.05 -1.24 -2.65
CA THR A 260 27.06 -2.32 -1.72
C THR A 260 25.93 -2.19 -0.73
N TYR A 261 25.75 -1.01 -0.20
CA TYR A 261 24.72 -0.75 0.79
C TYR A 261 23.37 -1.11 0.27
N ALA A 262 23.06 -0.64 -0.92
CA ALA A 262 21.76 -0.94 -1.43
C ALA A 262 21.56 -2.44 -1.51
N GLU A 263 22.59 -3.15 -1.92
CA GLU A 263 22.42 -4.57 -2.01
C GLU A 263 22.16 -5.19 -0.64
N SER A 264 22.87 -4.72 0.36
CA SER A 264 22.70 -5.24 1.69
C SER A 264 21.29 -5.04 2.20
N ILE A 265 20.65 -3.93 1.83
CA ILE A 265 19.32 -3.73 2.32
C ILE A 265 18.45 -4.81 1.83
N MET A 266 18.55 -5.13 0.57
CA MET A 266 17.66 -6.16 0.13
C MET A 266 17.80 -7.41 0.99
N ASP A 267 19.02 -7.84 1.27
CA ASP A 267 19.12 -9.04 2.10
C ASP A 267 18.50 -8.85 3.48
N SER A 268 18.56 -7.63 3.99
CA SER A 268 18.01 -7.36 5.31
C SER A 268 16.48 -7.50 5.34
N VAL A 269 15.85 -7.41 4.18
CA VAL A 269 14.43 -7.54 4.04
C VAL A 269 14.05 -9.00 4.03
N LEU A 270 14.83 -9.74 3.28
CA LEU A 270 14.67 -11.16 3.03
C LEU A 270 14.56 -12.08 4.22
N ASN A 271 15.49 -11.96 5.13
CA ASN A 271 15.58 -12.96 6.18
C ASN A 271 14.39 -13.23 7.10
N VAL A 272 13.54 -12.25 7.43
CA VAL A 272 12.46 -12.55 8.37
C VAL A 272 11.07 -12.04 7.97
N PRO A 273 9.99 -12.57 8.57
CA PRO A 273 8.63 -12.05 8.52
C PRO A 273 8.65 -10.66 9.11
N PHE A 274 7.69 -9.82 8.78
CA PHE A 274 7.72 -8.47 9.32
C PHE A 274 6.89 -8.35 10.59
N PHE A 275 6.93 -7.18 11.21
CA PHE A 275 6.15 -6.92 12.41
C PHE A 275 5.38 -5.62 12.38
N ASN A 276 4.33 -5.57 13.20
CA ASN A 276 3.52 -4.39 13.48
C ASN A 276 3.30 -4.30 14.98
N LYS A 277 4.26 -4.79 15.74
CA LYS A 277 4.11 -4.93 17.19
C LYS A 277 3.91 -3.64 17.96
N ASN A 278 4.59 -2.59 17.57
CA ASN A 278 4.47 -1.37 18.32
C ASN A 278 4.18 -0.23 17.43
N ILE A 279 2.95 0.25 17.44
CA ILE A 279 2.71 1.39 16.60
C ILE A 279 3.60 2.52 17.08
N LEU A 280 3.87 2.52 18.37
CA LEU A 280 4.71 3.49 19.00
C LEU A 280 6.17 3.08 18.85
N SER A 281 6.61 2.89 17.62
CA SER A 281 7.99 2.53 17.34
C SER A 281 8.32 2.60 15.87
N HIS A 282 9.60 2.40 15.55
CA HIS A 282 9.96 2.22 14.16
C HIS A 282 10.75 0.94 14.07
N SER A 283 10.34 0.10 13.13
CA SER A 283 10.98 -1.17 12.96
C SER A 283 12.00 -1.10 11.89
N PHE A 284 12.54 -2.24 11.51
CA PHE A 284 13.54 -2.28 10.45
C PHE A 284 13.01 -2.82 9.14
N ASN A 285 12.45 -4.00 9.15
CA ASN A 285 11.90 -4.53 7.92
C ASN A 285 10.85 -3.51 7.62
N GLY A 286 10.80 -3.01 6.40
CA GLY A 286 9.96 -1.85 6.13
C GLY A 286 8.51 -1.81 6.62
N LYS A 287 7.63 -2.65 6.10
CA LYS A 287 6.23 -2.54 6.50
C LYS A 287 5.38 -3.63 5.87
N LYS A 288 4.14 -3.74 6.34
CA LYS A 288 3.17 -4.62 5.69
C LYS A 288 3.09 -4.28 4.20
N SER A 289 3.23 -5.29 3.33
CA SER A 289 3.19 -5.05 1.89
C SER A 289 2.89 -6.29 1.07
N LEU A 290 2.54 -6.05 -0.20
CA LEU A 290 2.27 -7.11 -1.15
C LEU A 290 3.49 -7.93 -1.40
N LEU A 291 4.58 -7.26 -1.70
CA LEU A 291 5.79 -7.98 -2.01
C LEU A 291 6.20 -8.84 -0.87
N LYS A 292 6.10 -8.32 0.33
CA LYS A 292 6.52 -9.12 1.44
C LYS A 292 5.58 -10.29 1.58
N ARG A 293 4.29 -10.06 1.46
CA ARG A 293 3.40 -11.17 1.65
C ARG A 293 3.73 -12.27 0.68
N ARG A 294 3.97 -11.91 -0.57
CA ARG A 294 4.22 -12.94 -1.53
C ARG A 294 5.44 -13.73 -1.12
N LEU A 295 6.47 -13.06 -0.63
CA LEU A 295 7.64 -13.80 -0.20
C LEU A 295 7.31 -14.76 0.92
N ILE A 296 6.51 -14.34 1.84
CA ILE A 296 6.21 -15.24 2.90
C ILE A 296 5.54 -16.47 2.37
N ASN A 297 4.55 -16.30 1.53
CA ASN A 297 3.90 -17.48 1.10
C ASN A 297 4.81 -18.39 0.34
N ILE A 298 5.69 -17.87 -0.51
CA ILE A 298 6.48 -18.80 -1.29
C ILE A 298 7.36 -19.64 -0.40
N LYS A 299 7.77 -19.10 0.74
CA LYS A 299 8.56 -19.88 1.66
C LYS A 299 7.78 -21.02 2.29
N GLU A 300 6.50 -20.81 2.52
CA GLU A 300 5.68 -21.84 3.14
C GLU A 300 5.22 -22.91 2.15
N ALA A 301 5.01 -24.13 2.62
CA ALA A 301 4.45 -25.10 1.71
C ALA A 301 3.07 -24.65 1.28
N ASN A 302 2.72 -24.86 0.02
CA ASN A 302 1.39 -24.51 -0.46
C ASN A 302 0.94 -25.46 -1.55
N LEU A 303 0.38 -26.60 -1.14
CA LEU A 303 0.09 -27.66 -2.08
C LEU A 303 -1.31 -28.30 -2.06
N LYS A 304 -2.33 -27.68 -1.46
CA LYS A 304 -3.61 -28.40 -1.38
C LYS A 304 -4.86 -27.76 -1.93
N LYS A 305 -5.69 -28.65 -2.46
CA LYS A 305 -7.03 -28.40 -2.95
C LYS A 305 -8.06 -28.49 -1.85
N GLN A 306 -9.04 -27.62 -1.90
CA GLN A 306 -10.14 -27.73 -0.97
C GLN A 306 -11.26 -28.48 -1.70
N SER A 307 -11.94 -29.40 -1.02
CA SER A 307 -13.03 -30.13 -1.69
C SER A 307 -13.95 -29.12 -2.33
N LYS A 308 -14.37 -29.46 -3.55
CA LYS A 308 -15.17 -28.60 -4.42
C LYS A 308 -16.37 -27.95 -3.79
N LEU A 309 -17.04 -28.65 -2.88
CA LEU A 309 -18.23 -28.11 -2.25
C LEU A 309 -18.00 -26.74 -1.70
N ILE A 310 -16.80 -26.45 -1.26
CA ILE A 310 -16.66 -25.14 -0.69
C ILE A 310 -17.04 -24.06 -1.69
N LEU A 311 -16.76 -24.25 -2.98
CA LEU A 311 -17.08 -23.18 -3.88
C LEU A 311 -18.43 -23.36 -4.41
N ILE A 312 -18.83 -24.60 -4.49
CA ILE A 312 -20.13 -24.84 -5.03
C ILE A 312 -21.11 -24.16 -4.13
N PHE A 313 -20.97 -24.41 -2.84
CA PHE A 313 -21.90 -23.85 -1.95
C PHE A 313 -21.69 -22.39 -1.73
N ILE A 314 -20.45 -21.90 -1.62
CA ILE A 314 -20.36 -20.49 -1.31
C ILE A 314 -21.11 -19.67 -2.35
N CYS A 315 -21.08 -20.12 -3.59
CA CYS A 315 -21.77 -19.39 -4.60
C CYS A 315 -23.29 -19.54 -4.43
N ILE A 316 -23.75 -20.76 -4.13
CA ILE A 316 -25.19 -20.98 -3.97
C ILE A 316 -25.71 -20.14 -2.85
N PHE A 317 -24.97 -20.17 -1.78
CA PHE A 317 -25.28 -19.47 -0.59
C PHE A 317 -25.46 -18.02 -0.88
N THR A 318 -24.46 -17.45 -1.53
CA THR A 318 -24.47 -16.05 -1.83
C THR A 318 -25.70 -15.74 -2.63
N PHE A 319 -25.94 -16.57 -3.62
CA PHE A 319 -27.06 -16.35 -4.47
C PHE A 319 -28.37 -16.40 -3.73
N LEU A 320 -28.62 -17.44 -2.97
CA LEU A 320 -29.91 -17.49 -2.35
C LEU A 320 -30.14 -16.29 -1.49
N LEU A 321 -29.12 -15.85 -0.80
CA LEU A 321 -29.36 -14.73 0.04
C LEU A 321 -29.73 -13.52 -0.76
N MET A 322 -29.05 -13.26 -1.87
CA MET A 322 -29.47 -12.08 -2.60
C MET A 322 -30.90 -12.26 -3.08
N VAL A 323 -31.32 -13.50 -3.30
CA VAL A 323 -32.69 -13.73 -3.71
C VAL A 323 -33.60 -13.28 -2.63
N ILE A 324 -33.27 -13.66 -1.44
CA ILE A 324 -34.04 -13.30 -0.32
C ILE A 324 -34.09 -11.78 -0.18
N GLN A 325 -32.95 -11.12 -0.35
CA GLN A 325 -32.92 -9.68 -0.24
C GLN A 325 -33.95 -9.05 -1.15
N SER A 326 -33.95 -9.54 -2.38
CA SER A 326 -34.84 -9.10 -3.41
C SER A 326 -36.28 -9.36 -3.08
N GLN A 327 -36.57 -10.54 -2.51
CA GLN A 327 -37.93 -10.88 -2.19
C GLN A 327 -38.60 -9.72 -1.53
N PHE A 328 -37.92 -9.11 -0.58
CA PHE A 328 -38.58 -7.98 -0.02
C PHE A 328 -38.23 -6.72 -0.81
N LEU A 329 -36.95 -6.52 -1.17
CA LEU A 329 -36.58 -5.26 -1.79
C LEU A 329 -36.30 -5.16 -3.28
N MET A 330 -37.10 -4.32 -3.95
CA MET A 330 -36.98 -3.93 -5.37
C MET A 330 -37.72 -2.59 -5.63
N GLY A 331 -37.37 -1.91 -6.73
CA GLY A 331 -38.14 -0.74 -7.20
C GLY A 331 -37.33 0.37 -7.84
N GLN A 332 -38.00 1.14 -8.69
CA GLN A 332 -37.38 2.24 -9.44
C GLN A 332 -38.47 3.24 -9.85
N SER A 333 -38.11 4.52 -10.03
CA SER A 333 -39.07 5.59 -10.36
C SER A 333 -39.94 5.45 -11.59
N ILE A 334 -39.56 4.65 -12.57
CA ILE A 334 -40.38 4.49 -13.75
C ILE A 334 -41.71 3.87 -13.37
N THR A 335 -41.76 3.21 -12.22
CA THR A 335 -42.95 2.53 -11.82
C THR A 335 -43.98 3.48 -11.26
N ASP A 336 -43.59 4.71 -10.98
CA ASP A 336 -44.48 5.63 -10.32
C ASP A 336 -45.43 6.45 -11.20
N TYR A 337 -46.41 5.78 -11.79
CA TYR A 337 -47.44 6.50 -12.52
C TYR A 337 -48.18 7.38 -11.55
N MET B 1 -35.44 9.78 -7.54
CA MET B 1 -34.52 8.84 -8.17
C MET B 1 -33.34 8.60 -7.28
N ALA B 2 -33.23 9.41 -6.26
CA ALA B 2 -32.19 9.21 -5.28
C ALA B 2 -32.35 7.85 -4.69
N LYS B 3 -33.59 7.44 -4.56
CA LYS B 3 -33.89 6.15 -4.02
C LYS B 3 -33.22 5.04 -4.79
N LEU B 4 -33.09 5.17 -6.12
CA LEU B 4 -32.53 4.04 -6.80
C LEU B 4 -31.07 4.02 -6.54
N LEU B 5 -30.49 5.20 -6.41
CA LEU B 5 -29.07 5.26 -6.21
C LEU B 5 -28.71 4.58 -4.95
N ILE B 6 -29.50 4.89 -3.98
CA ILE B 6 -29.29 4.37 -2.70
C ILE B 6 -29.47 2.88 -2.71
N MET B 7 -30.56 2.38 -3.29
CA MET B 7 -30.72 0.96 -3.24
C MET B 7 -29.55 0.23 -3.85
N SER B 8 -29.05 0.70 -4.99
CA SER B 8 -27.98 -0.03 -5.64
C SER B 8 -26.76 -0.12 -4.76
N ILE B 9 -26.44 0.97 -4.11
CA ILE B 9 -25.27 0.97 -3.27
C ILE B 9 -25.43 0.01 -2.12
N VAL B 10 -26.58 0.07 -1.48
CA VAL B 10 -26.81 -0.76 -0.36
C VAL B 10 -26.75 -2.22 -0.69
N SER B 11 -27.40 -2.62 -1.76
CA SER B 11 -27.42 -4.02 -2.10
C SER B 11 -26.02 -4.56 -2.28
N PHE B 12 -25.24 -3.82 -3.04
CA PHE B 12 -23.90 -4.23 -3.31
C PHE B 12 -23.12 -4.44 -2.04
N CYS B 13 -23.16 -3.44 -1.15
CA CYS B 13 -22.33 -3.55 0.02
C CYS B 13 -22.74 -4.70 0.90
N PHE B 14 -24.01 -5.06 0.87
CA PHE B 14 -24.44 -6.13 1.72
C PHE B 14 -23.67 -7.41 1.43
N ILE B 15 -23.72 -7.83 0.19
CA ILE B 15 -23.01 -9.04 -0.14
C ILE B 15 -21.53 -8.84 -0.01
N PHE B 16 -21.05 -7.68 -0.40
CA PHE B 16 -19.65 -7.44 -0.32
C PHE B 16 -19.11 -7.84 1.04
N LEU B 17 -19.73 -7.37 2.10
CA LEU B 17 -19.22 -7.69 3.41
C LEU B 17 -19.26 -9.18 3.68
N LEU B 18 -20.33 -9.84 3.25
CA LEU B 18 -20.47 -11.28 3.46
C LEU B 18 -19.28 -12.04 2.93
N LEU B 19 -18.94 -11.73 1.72
CA LEU B 19 -17.88 -12.42 1.06
C LEU B 19 -16.56 -12.21 1.72
N LEU B 20 -16.34 -11.01 2.20
CA LEU B 20 -15.07 -10.76 2.80
C LEU B 20 -14.89 -11.66 3.98
N PHE B 21 -15.94 -11.85 4.76
CA PHE B 21 -15.76 -12.70 5.91
C PHE B 21 -15.35 -14.08 5.51
N PHE B 22 -15.99 -14.62 4.51
CA PHE B 22 -15.61 -15.96 4.16
C PHE B 22 -14.16 -16.09 3.79
N ARG B 23 -13.69 -15.22 2.92
CA ARG B 23 -12.34 -15.46 2.46
C ARG B 23 -11.34 -15.36 3.58
N TYR B 24 -11.50 -14.37 4.43
CA TYR B 24 -10.54 -14.24 5.50
C TYR B 24 -10.47 -15.48 6.34
N ILE B 25 -11.62 -15.93 6.80
CA ILE B 25 -11.65 -17.04 7.70
C ILE B 25 -11.13 -18.29 7.08
N LEU B 26 -11.61 -18.56 5.88
CA LEU B 26 -11.25 -19.79 5.27
C LEU B 26 -9.75 -19.90 5.06
N LYS B 27 -9.12 -18.81 4.66
CA LYS B 27 -7.70 -18.89 4.54
C LYS B 27 -7.05 -18.92 5.89
N ARG B 28 -7.42 -17.97 6.73
CA ARG B 28 -6.82 -17.83 8.03
C ARG B 28 -6.81 -19.10 8.86
N TYR B 29 -7.88 -19.88 8.82
CA TYR B 29 -7.90 -21.05 9.67
C TYR B 29 -7.71 -22.38 8.98
N PHE B 30 -8.05 -22.52 7.70
CA PHE B 30 -7.92 -23.82 7.11
C PHE B 30 -6.94 -23.88 5.97
N ASN B 31 -6.26 -22.79 5.70
CA ASN B 31 -5.30 -22.70 4.62
C ASN B 31 -5.84 -22.93 3.24
N TYR B 32 -6.99 -22.37 2.90
CA TYR B 32 -7.45 -22.52 1.53
C TYR B 32 -7.73 -21.24 0.79
N MET B 33 -7.62 -21.35 -0.53
CA MET B 33 -7.90 -20.26 -1.43
C MET B 33 -9.25 -20.41 -2.08
N LEU B 34 -9.85 -19.29 -2.43
CA LEU B 34 -11.11 -19.32 -3.16
C LEU B 34 -10.89 -18.84 -4.56
N ASN B 35 -11.63 -19.39 -5.49
CA ASN B 35 -11.53 -18.97 -6.86
C ASN B 35 -12.27 -17.65 -7.04
N TYR B 36 -11.50 -16.63 -7.34
CA TYR B 36 -11.89 -15.26 -7.50
C TYR B 36 -13.07 -15.05 -8.44
N LYS B 37 -13.38 -16.00 -9.28
CA LYS B 37 -14.47 -15.78 -10.20
C LYS B 37 -15.76 -15.38 -9.47
N VAL B 38 -15.95 -15.84 -8.25
CA VAL B 38 -17.17 -15.53 -7.49
C VAL B 38 -17.48 -14.05 -7.39
N TRP B 39 -16.47 -13.22 -7.51
CA TRP B 39 -16.65 -11.82 -7.37
C TRP B 39 -17.59 -11.20 -8.39
N TYR B 40 -17.82 -11.83 -9.52
CA TYR B 40 -18.73 -11.22 -10.49
C TYR B 40 -20.14 -11.10 -9.95
N LEU B 41 -20.47 -11.93 -9.00
CA LEU B 41 -21.80 -11.99 -8.51
C LEU B 41 -22.14 -10.82 -7.62
N THR B 42 -21.14 -10.04 -7.27
CA THR B 42 -21.44 -8.90 -6.48
C THR B 42 -21.96 -7.81 -7.37
N LEU B 43 -21.57 -7.84 -8.63
CA LEU B 43 -21.99 -6.77 -9.49
C LEU B 43 -23.40 -7.06 -9.85
N LEU B 44 -23.67 -8.34 -10.07
CA LEU B 44 -24.99 -8.78 -10.42
C LEU B 44 -25.96 -8.43 -9.35
N ALA B 45 -25.64 -8.78 -8.11
CA ALA B 45 -26.58 -8.52 -7.05
C ALA B 45 -26.92 -7.05 -6.94
N GLY B 46 -25.92 -6.22 -7.13
CA GLY B 46 -26.09 -4.80 -7.02
C GLY B 46 -27.07 -4.23 -8.02
N LEU B 47 -27.39 -4.97 -9.05
CA LEU B 47 -28.27 -4.49 -10.06
C LEU B 47 -29.60 -5.18 -10.11
N ILE B 48 -29.97 -5.90 -9.08
CA ILE B 48 -31.27 -6.53 -9.12
C ILE B 48 -32.41 -5.61 -8.72
N PRO B 49 -32.46 -5.00 -7.53
CA PRO B 49 -33.59 -4.18 -7.11
C PRO B 49 -33.78 -3.02 -8.06
N PHE B 50 -32.67 -2.73 -8.72
CA PHE B 50 -32.46 -1.74 -9.71
C PHE B 50 -33.40 -1.83 -10.89
N ILE B 51 -33.64 -3.04 -11.41
CA ILE B 51 -34.48 -3.15 -12.62
C ILE B 51 -35.88 -2.88 -12.14
N PRO B 52 -36.70 -2.15 -12.89
CA PRO B 52 -38.03 -1.73 -12.48
C PRO B 52 -39.08 -2.83 -12.50
N ILE B 53 -38.82 -3.84 -11.71
CA ILE B 53 -39.64 -5.01 -11.62
C ILE B 53 -40.04 -5.24 -10.17
N LYS B 54 -41.26 -4.96 -9.80
CA LYS B 54 -41.59 -5.10 -8.39
C LYS B 54 -41.98 -6.50 -8.02
N PHE B 55 -41.05 -7.41 -8.16
CA PHE B 55 -41.31 -8.81 -7.90
C PHE B 55 -40.18 -9.48 -7.17
N ASN B 98 -34.76 20.97 -1.28
CA ASN B 98 -35.28 19.66 -0.94
C ASN B 98 -34.85 18.61 -1.96
N TRP B 99 -35.60 17.52 -2.02
CA TRP B 99 -35.25 16.41 -2.88
C TRP B 99 -35.06 16.81 -4.31
N ASP B 100 -35.76 17.82 -4.76
CA ASP B 100 -35.65 18.21 -6.15
C ASP B 100 -34.22 18.52 -6.52
N SER B 101 -33.49 19.18 -5.61
CA SER B 101 -32.14 19.61 -5.87
C SER B 101 -31.22 18.43 -5.85
N ILE B 102 -31.47 17.55 -4.91
CA ILE B 102 -30.64 16.39 -4.73
C ILE B 102 -30.68 15.53 -5.98
N ASP B 103 -31.88 15.31 -6.47
CA ASP B 103 -32.06 14.49 -7.63
C ASP B 103 -31.41 15.09 -8.87
N ASN B 104 -31.55 16.39 -9.05
CA ASN B 104 -31.01 17.01 -10.23
C ASN B 104 -29.51 16.88 -10.33
N ILE B 105 -28.83 17.12 -9.22
CA ILE B 105 -27.40 17.06 -9.28
C ILE B 105 -26.88 15.65 -9.42
N CYS B 106 -27.53 14.69 -8.78
CA CYS B 106 -27.04 13.35 -8.82
C CYS B 106 -26.91 12.90 -10.27
N THR B 107 -27.88 13.29 -11.08
CA THR B 107 -27.88 12.94 -12.48
C THR B 107 -26.64 13.40 -13.16
N VAL B 108 -26.36 14.63 -12.93
CA VAL B 108 -25.26 15.21 -13.63
C VAL B 108 -23.94 14.53 -13.31
N ILE B 109 -23.71 14.23 -12.06
CA ILE B 109 -22.45 13.62 -11.69
C ILE B 109 -22.27 12.28 -12.36
N TRP B 110 -23.30 11.47 -12.37
CA TRP B 110 -23.16 10.16 -12.98
C TRP B 110 -22.64 10.29 -14.39
N ILE B 111 -23.21 11.22 -15.13
CA ILE B 111 -22.81 11.34 -16.49
C ILE B 111 -21.34 11.63 -16.64
N VAL B 112 -20.85 12.60 -15.90
CA VAL B 112 -19.45 12.96 -16.10
C VAL B 112 -18.47 11.90 -15.67
N LEU B 113 -18.78 11.20 -14.61
CA LEU B 113 -17.81 10.23 -14.17
C LEU B 113 -17.52 9.19 -15.21
N VAL B 114 -18.55 8.73 -15.89
CA VAL B 114 -18.32 7.69 -16.85
C VAL B 114 -17.46 8.22 -17.97
N ILE B 115 -17.77 9.41 -18.42
CA ILE B 115 -17.05 9.93 -19.55
C ILE B 115 -15.57 10.00 -19.30
N ILE B 116 -15.18 10.53 -18.16
CA ILE B 116 -13.76 10.65 -17.95
C ILE B 116 -13.04 9.32 -17.73
N LEU B 117 -13.66 8.38 -17.02
CA LEU B 117 -12.95 7.15 -16.83
C LEU B 117 -12.72 6.46 -18.15
N SER B 118 -13.71 6.56 -19.03
CA SER B 118 -13.59 5.95 -20.33
C SER B 118 -12.40 6.54 -21.03
N PHE B 119 -12.29 7.84 -21.00
CA PHE B 119 -11.17 8.46 -21.66
C PHE B 119 -9.86 7.85 -21.20
N LYS B 120 -9.68 7.77 -19.89
CA LYS B 120 -8.44 7.23 -19.33
C LYS B 120 -8.15 5.82 -19.85
N PHE B 121 -9.19 4.99 -19.82
CA PHE B 121 -9.14 3.62 -20.28
C PHE B 121 -8.69 3.52 -21.73
N LEU B 122 -9.33 4.31 -22.57
CA LEU B 122 -9.08 4.27 -23.98
C LEU B 122 -7.67 4.67 -24.34
N LYS B 123 -7.14 5.68 -23.66
CA LYS B 123 -5.79 6.04 -23.98
C LYS B 123 -4.90 4.84 -23.80
N ALA B 124 -5.07 4.18 -22.68
CA ALA B 124 -4.26 3.03 -22.43
C ALA B 124 -4.46 1.98 -23.49
N LEU B 125 -5.66 1.84 -23.97
CA LEU B 125 -5.94 0.82 -24.93
C LEU B 125 -5.05 0.95 -26.18
N LEU B 126 -4.84 2.17 -26.67
CA LEU B 126 -3.96 2.25 -27.83
C LEU B 126 -2.53 2.05 -27.46
N TYR B 127 -2.16 2.35 -26.23
CA TYR B 127 -0.79 2.05 -25.85
C TYR B 127 -0.59 0.61 -26.16
N LEU B 128 -1.53 -0.19 -25.75
CA LEU B 128 -1.37 -1.56 -26.05
C LEU B 128 -1.26 -1.81 -27.56
N LYS B 129 -2.08 -1.15 -28.35
CA LYS B 129 -1.96 -1.32 -29.79
C LYS B 129 -0.51 -1.17 -30.23
N TYR B 130 0.16 -0.13 -29.73
CA TYR B 130 1.56 0.13 -30.05
C TYR B 130 2.46 -1.06 -29.81
N LEU B 131 2.35 -1.63 -28.65
CA LEU B 131 3.25 -2.70 -28.32
C LEU B 131 3.12 -3.84 -29.29
N LYS B 132 1.91 -4.13 -29.70
CA LYS B 132 1.72 -5.24 -30.60
C LYS B 132 2.40 -4.97 -31.91
N LYS B 133 2.20 -3.79 -32.43
CA LYS B 133 2.77 -3.47 -33.72
C LYS B 133 4.25 -3.63 -33.75
N GLN B 134 4.89 -3.34 -32.65
CA GLN B 134 6.31 -3.39 -32.67
C GLN B 134 6.95 -4.75 -32.41
N SER B 135 6.17 -5.78 -32.13
CA SER B 135 6.75 -7.09 -31.77
C SER B 135 7.24 -7.95 -32.95
N LEU B 136 8.06 -9.01 -32.64
CA LEU B 136 8.54 -9.97 -33.65
C LEU B 136 8.78 -11.38 -33.11
N TYR B 137 8.77 -12.35 -34.01
CA TYR B 137 9.07 -13.72 -33.66
C TYR B 137 10.54 -13.98 -33.46
N LEU B 138 10.78 -15.05 -32.74
CA LEU B 138 12.06 -15.57 -32.36
C LEU B 138 12.68 -16.53 -33.37
N ASN B 139 13.98 -16.82 -33.21
CA ASN B 139 14.68 -17.72 -34.14
C ASN B 139 14.56 -19.17 -33.70
N GLU B 140 15.22 -20.07 -34.43
CA GLU B 140 15.10 -21.50 -34.20
C GLU B 140 15.67 -21.95 -32.90
N ASN B 141 16.86 -21.49 -32.58
CA ASN B 141 17.46 -21.95 -31.37
C ASN B 141 16.75 -21.40 -30.20
N GLU B 142 16.26 -20.20 -30.33
CA GLU B 142 15.53 -19.62 -29.26
C GLU B 142 14.31 -20.50 -29.08
N LYS B 143 13.70 -20.90 -30.19
CA LYS B 143 12.55 -21.75 -30.16
C LYS B 143 12.94 -23.06 -29.51
N ASN B 144 14.12 -23.52 -29.80
CA ASN B 144 14.60 -24.74 -29.25
C ASN B 144 14.74 -24.59 -27.75
N LYS B 145 15.05 -23.41 -27.27
CA LYS B 145 15.18 -23.25 -25.85
C LYS B 145 13.81 -23.32 -25.22
N ILE B 146 12.85 -22.75 -25.90
CA ILE B 146 11.54 -22.75 -25.33
C ILE B 146 11.07 -24.15 -25.25
N ASP B 147 11.32 -24.88 -26.32
CA ASP B 147 10.93 -26.26 -26.41
C ASP B 147 11.48 -27.00 -25.25
N THR B 148 12.75 -26.81 -24.95
CA THR B 148 13.31 -27.53 -23.85
C THR B 148 12.55 -27.23 -22.58
N ILE B 149 12.32 -25.96 -22.31
CA ILE B 149 11.68 -25.60 -21.06
C ILE B 149 10.34 -26.19 -20.95
N LEU B 150 9.62 -26.16 -22.00
CA LEU B 150 8.33 -26.69 -21.93
C LEU B 150 8.21 -28.10 -22.48
N PHE B 151 9.31 -28.77 -22.71
CA PHE B 151 9.20 -30.07 -23.33
C PHE B 151 8.29 -31.04 -22.63
N ASN B 152 8.47 -31.17 -21.33
CA ASN B 152 7.68 -32.15 -20.63
C ASN B 152 6.38 -31.58 -20.16
N HIS B 153 6.11 -30.36 -20.54
CA HIS B 153 4.91 -29.73 -20.11
C HIS B 153 3.87 -30.00 -21.14
N GLN B 154 4.28 -29.93 -22.41
CA GLN B 154 3.34 -30.19 -23.49
C GLN B 154 2.10 -29.39 -23.30
N TYR B 155 2.29 -28.13 -23.04
CA TYR B 155 1.21 -27.25 -22.78
C TYR B 155 0.60 -26.74 -24.06
N LYS B 156 -0.65 -26.33 -23.96
CA LYS B 156 -1.41 -25.81 -25.06
C LYS B 156 -0.65 -24.70 -25.74
N LYS B 157 -0.68 -24.76 -27.06
CA LYS B 157 0.03 -23.80 -27.89
C LYS B 157 -0.89 -22.91 -28.72
N ASN B 158 -1.99 -22.46 -28.13
CA ASN B 158 -2.90 -21.57 -28.85
C ASN B 158 -2.80 -20.15 -28.34
N ILE B 159 -1.69 -19.88 -27.68
CA ILE B 159 -1.31 -18.61 -27.12
C ILE B 159 0.06 -18.33 -27.72
N VAL B 160 0.59 -17.11 -27.62
CA VAL B 160 1.84 -16.80 -28.35
C VAL B 160 3.07 -16.16 -27.63
N ILE B 161 4.26 -16.68 -27.94
CA ILE B 161 5.52 -16.16 -27.41
C ILE B 161 6.32 -15.38 -28.40
N ARG B 162 6.58 -14.13 -28.10
CA ARG B 162 7.32 -13.26 -29.04
C ARG B 162 8.26 -12.31 -28.29
N LYS B 163 9.14 -11.60 -29.02
CA LYS B 163 10.12 -10.71 -28.38
C LYS B 163 10.19 -9.30 -28.94
N ALA B 164 10.72 -8.38 -28.12
CA ALA B 164 11.00 -7.02 -28.60
C ALA B 164 12.06 -6.31 -27.78
N GLU B 165 12.73 -5.37 -28.40
CA GLU B 165 13.73 -4.53 -27.77
C GLU B 165 13.16 -3.36 -27.02
N THR B 166 11.90 -3.16 -27.18
CA THR B 166 11.28 -1.99 -26.67
C THR B 166 11.23 -1.83 -25.18
N ILE B 167 11.09 -2.91 -24.45
CA ILE B 167 10.98 -2.75 -23.01
C ILE B 167 11.94 -3.66 -22.29
N GLN B 168 12.50 -3.13 -21.21
CA GLN B 168 13.46 -3.78 -20.31
C GLN B 168 13.02 -5.03 -19.51
N SER B 169 11.74 -5.26 -19.41
CA SER B 169 11.22 -6.37 -18.65
C SER B 169 9.94 -6.83 -19.32
N PRO B 170 9.60 -8.10 -19.25
CA PRO B 170 8.43 -8.70 -19.87
C PRO B 170 7.11 -8.25 -19.32
N ILE B 171 6.13 -8.21 -20.20
CA ILE B 171 4.75 -7.87 -19.89
C ILE B 171 3.78 -8.78 -20.63
N THR B 172 2.50 -8.86 -20.21
CA THR B 172 1.53 -9.63 -21.01
C THR B 172 0.23 -8.93 -21.23
N PHE B 173 -0.52 -9.37 -22.25
CA PHE B 173 -1.85 -8.83 -22.48
C PHE B 173 -2.71 -9.77 -23.28
N TRP B 174 -4.01 -9.45 -23.38
CA TRP B 174 -4.96 -10.32 -24.05
C TRP B 174 -5.30 -10.21 -25.54
N TYR B 175 -5.98 -9.16 -25.96
CA TYR B 175 -6.53 -8.97 -27.31
C TYR B 175 -7.46 -10.04 -27.85
N GLY B 176 -7.31 -11.24 -27.38
CA GLY B 176 -7.95 -12.37 -27.98
C GLY B 176 -6.92 -13.41 -28.34
N LYS B 177 -5.63 -13.13 -28.11
CA LYS B 177 -4.62 -14.14 -28.46
C LYS B 177 -3.60 -14.54 -27.39
N TYR B 178 -3.63 -13.93 -26.20
CA TYR B 178 -2.70 -14.33 -25.13
C TYR B 178 -1.26 -14.14 -25.47
N ILE B 179 -0.84 -12.89 -25.45
CA ILE B 179 0.49 -12.56 -25.87
C ILE B 179 1.48 -12.35 -24.77
N ILE B 180 2.58 -13.10 -24.89
CA ILE B 180 3.70 -13.05 -23.99
C ILE B 180 4.87 -12.39 -24.64
N LEU B 181 5.29 -11.28 -24.07
CA LEU B 181 6.37 -10.55 -24.63
C LEU B 181 7.56 -10.43 -23.73
N ILE B 182 8.70 -10.82 -24.24
CA ILE B 182 9.89 -10.67 -23.44
C ILE B 182 10.87 -9.77 -24.15
N PRO B 183 11.81 -9.17 -23.45
CA PRO B 183 12.90 -8.39 -23.98
C PRO B 183 13.76 -9.15 -24.94
N SER B 184 14.09 -8.55 -26.06
CA SER B 184 14.93 -9.17 -27.08
C SER B 184 16.37 -9.30 -26.63
N SER B 185 16.69 -8.57 -25.58
CA SER B 185 18.00 -8.54 -25.02
C SER B 185 18.31 -9.74 -24.14
N TYR B 186 17.32 -10.57 -23.84
CA TYR B 186 17.59 -11.65 -22.92
C TYR B 186 18.09 -12.96 -23.52
N PHE B 187 17.62 -13.35 -24.69
CA PHE B 187 17.92 -14.70 -25.20
C PHE B 187 19.34 -15.06 -25.38
N LYS B 188 20.14 -14.12 -25.81
CA LYS B 188 21.54 -14.40 -26.05
C LYS B 188 22.29 -14.79 -24.80
N SER B 189 21.73 -14.53 -23.62
CA SER B 189 22.48 -14.86 -22.45
C SER B 189 22.40 -16.32 -22.18
N VAL B 190 23.49 -16.96 -22.54
CA VAL B 190 23.65 -18.40 -22.44
C VAL B 190 23.56 -18.93 -21.01
N ILE B 191 23.74 -18.06 -20.05
CA ILE B 191 23.68 -18.40 -18.64
C ILE B 191 22.74 -17.56 -17.81
N ASP B 192 21.66 -17.02 -18.36
CA ASP B 192 20.86 -16.19 -17.49
C ASP B 192 20.16 -16.98 -16.40
N LYS B 193 19.71 -18.15 -16.77
CA LYS B 193 18.94 -19.02 -15.91
C LYS B 193 17.78 -18.24 -15.34
N ARG B 194 17.15 -17.42 -16.18
CA ARG B 194 16.03 -16.64 -15.78
C ARG B 194 14.95 -17.16 -16.64
N LEU B 195 15.33 -17.52 -17.85
CA LEU B 195 14.39 -17.95 -18.85
C LEU B 195 13.47 -18.97 -18.31
N LYS B 196 14.04 -19.93 -17.62
CA LYS B 196 13.25 -21.00 -17.07
C LYS B 196 12.08 -20.52 -16.26
N TYR B 197 12.34 -19.55 -15.42
CA TYR B 197 11.37 -19.12 -14.47
C TYR B 197 10.44 -18.11 -15.11
N ILE B 198 10.98 -17.31 -15.98
CA ILE B 198 10.14 -16.34 -16.59
C ILE B 198 9.13 -17.03 -17.40
N ILE B 199 9.53 -18.05 -18.15
CA ILE B 199 8.53 -18.69 -18.94
C ILE B 199 7.47 -19.29 -18.10
N LEU B 200 7.81 -20.05 -17.08
CA LEU B 200 6.68 -20.63 -16.40
C LEU B 200 5.80 -19.56 -15.80
N HIS B 201 6.38 -18.50 -15.29
CA HIS B 201 5.56 -17.52 -14.66
C HIS B 201 4.55 -17.03 -15.65
N GLU B 202 4.98 -16.65 -16.78
CA GLU B 202 3.98 -16.10 -17.62
C GLU B 202 3.04 -17.12 -18.14
N TYR B 203 3.51 -18.32 -18.41
CA TYR B 203 2.63 -19.31 -19.00
C TYR B 203 1.46 -19.44 -18.10
N ALA B 204 1.76 -19.54 -16.83
CA ALA B 204 0.72 -19.71 -15.85
C ALA B 204 -0.27 -18.59 -15.89
N HIS B 205 0.18 -17.38 -16.14
CA HIS B 205 -0.81 -16.36 -16.21
C HIS B 205 -1.66 -16.59 -17.40
N ALA B 206 -1.05 -16.97 -18.50
CA ALA B 206 -1.85 -17.17 -19.67
C ALA B 206 -2.92 -18.24 -19.48
N LYS B 207 -2.59 -19.30 -18.79
CA LYS B 207 -3.53 -20.39 -18.64
C LYS B 207 -4.90 -19.98 -18.13
N ASN B 208 -4.97 -19.08 -17.14
CA ASN B 208 -6.27 -18.74 -16.54
C ASN B 208 -6.98 -17.62 -17.20
N ARG B 209 -6.45 -17.13 -18.30
CA ARG B 209 -7.11 -16.07 -19.02
C ARG B 209 -7.44 -14.89 -18.10
N ASP B 210 -6.50 -14.54 -17.24
CA ASP B 210 -6.72 -13.50 -16.27
C ASP B 210 -6.86 -12.15 -16.87
N THR B 211 -6.14 -11.95 -17.93
CA THR B 211 -6.17 -10.70 -18.59
C THR B 211 -7.54 -10.44 -19.14
N LEU B 212 -8.23 -11.48 -19.60
CA LEU B 212 -9.53 -11.21 -20.12
C LEU B 212 -10.43 -10.77 -19.05
N HIS B 213 -10.33 -11.42 -17.92
CA HIS B 213 -11.22 -11.00 -16.89
C HIS B 213 -10.98 -9.56 -16.55
N LEU B 214 -9.74 -9.11 -16.47
CA LEU B 214 -9.62 -7.70 -16.11
C LEU B 214 -10.28 -6.77 -17.09
N ILE B 215 -10.22 -7.11 -18.36
CA ILE B 215 -10.78 -6.19 -19.33
C ILE B 215 -12.24 -5.99 -19.13
N ILE B 216 -12.95 -7.08 -19.09
CA ILE B 216 -14.36 -6.90 -18.95
C ILE B 216 -14.71 -6.35 -17.64
N PHE B 217 -13.98 -6.77 -16.64
CA PHE B 217 -14.30 -6.38 -15.34
C PHE B 217 -14.22 -4.90 -15.24
N ASN B 218 -13.15 -4.34 -15.77
CA ASN B 218 -13.03 -2.92 -15.68
C ASN B 218 -14.17 -2.22 -16.37
N ILE B 219 -14.65 -2.75 -17.48
CA ILE B 219 -15.72 -2.02 -18.13
C ILE B 219 -16.91 -1.86 -17.25
N PHE B 220 -17.30 -2.91 -16.57
CA PHE B 220 -18.48 -2.71 -15.74
C PHE B 220 -18.30 -1.63 -14.73
N SER B 221 -17.12 -1.55 -14.10
CA SER B 221 -16.93 -0.48 -13.14
C SER B 221 -16.88 0.87 -13.82
N ILE B 222 -16.54 0.90 -15.11
CA ILE B 222 -16.55 2.17 -15.82
C ILE B 222 -17.95 2.70 -15.76
N ILE B 223 -18.92 1.84 -15.99
CA ILE B 223 -20.26 2.34 -16.02
C ILE B 223 -20.79 2.54 -14.62
N MET B 224 -20.70 1.55 -13.77
CA MET B 224 -21.21 1.77 -12.43
C MET B 224 -20.07 2.38 -11.62
N SER B 225 -19.80 3.63 -11.89
CA SER B 225 -18.67 4.41 -11.39
C SER B 225 -18.78 5.00 -10.01
N TYR B 226 -19.94 4.93 -9.42
CA TYR B 226 -20.14 5.64 -8.18
C TYR B 226 -20.03 4.88 -6.89
N ASN B 227 -20.13 3.59 -6.91
CA ASN B 227 -20.03 2.88 -5.66
C ASN B 227 -18.58 2.57 -5.50
N PRO B 228 -17.85 3.18 -4.58
CA PRO B 228 -16.42 3.05 -4.51
C PRO B 228 -15.99 1.62 -4.34
N LEU B 229 -16.88 0.81 -3.79
CA LEU B 229 -16.53 -0.56 -3.55
C LEU B 229 -16.27 -1.29 -4.84
N VAL B 230 -16.99 -0.89 -5.87
CA VAL B 230 -16.89 -1.50 -7.18
C VAL B 230 -15.50 -1.27 -7.72
N HIS B 231 -14.95 -0.10 -7.54
CA HIS B 231 -13.61 0.15 -7.99
C HIS B 231 -12.61 -0.66 -7.14
N ILE B 232 -12.79 -0.66 -5.83
CA ILE B 232 -11.86 -1.29 -4.91
C ILE B 232 -11.54 -2.72 -5.16
N VAL B 233 -12.53 -3.51 -5.45
CA VAL B 233 -12.30 -4.91 -5.67
C VAL B 233 -11.20 -5.18 -6.70
N LYS B 234 -10.93 -4.25 -7.61
CA LYS B 234 -9.92 -4.54 -8.60
C LYS B 234 -8.60 -4.89 -8.00
N ARG B 235 -8.27 -4.25 -6.90
CA ARG B 235 -6.98 -4.44 -6.29
C ARG B 235 -6.90 -5.83 -5.75
N LYS B 236 -7.99 -6.30 -5.20
CA LYS B 236 -7.96 -7.60 -4.64
C LYS B 236 -7.75 -8.62 -5.73
N ILE B 237 -8.35 -8.38 -6.88
CA ILE B 237 -8.18 -9.35 -7.93
C ILE B 237 -6.73 -9.48 -8.31
N ILE B 238 -6.08 -8.37 -8.48
CA ILE B 238 -4.70 -8.46 -8.88
C ILE B 238 -3.86 -9.14 -7.83
N HIS B 239 -4.06 -8.76 -6.59
CA HIS B 239 -3.26 -9.27 -5.51
C HIS B 239 -3.22 -10.77 -5.55
N ASP B 240 -4.37 -11.40 -5.65
CA ASP B 240 -4.34 -12.82 -5.61
C ASP B 240 -3.92 -13.40 -6.90
N ASN B 241 -4.28 -12.77 -7.99
CA ASN B 241 -3.94 -13.37 -9.23
C ASN B 241 -2.45 -13.69 -9.23
N GLU B 242 -1.62 -12.72 -8.82
CA GLU B 242 -0.20 -13.03 -8.81
C GLU B 242 0.16 -14.11 -7.80
N VAL B 243 -0.45 -14.11 -6.63
CA VAL B 243 -0.03 -15.14 -5.69
C VAL B 243 -0.26 -16.52 -6.24
N GLU B 244 -1.41 -16.69 -6.82
CA GLU B 244 -1.77 -17.97 -7.34
C GLU B 244 -0.78 -18.39 -8.41
N ALA B 245 -0.35 -17.45 -9.22
CA ALA B 245 0.60 -17.80 -10.21
C ALA B 245 1.85 -18.39 -9.61
N ASP B 246 2.26 -17.89 -8.46
CA ASP B 246 3.46 -18.45 -7.92
C ASP B 246 3.25 -19.82 -7.43
N ARG B 247 2.10 -20.08 -6.88
CA ARG B 247 1.88 -21.41 -6.40
C ARG B 247 2.13 -22.35 -7.56
N PHE B 248 1.61 -21.97 -8.72
CA PHE B 248 1.79 -22.80 -9.87
C PHE B 248 3.22 -23.10 -10.15
N VAL B 249 4.01 -22.07 -10.19
CA VAL B 249 5.35 -22.35 -10.58
C VAL B 249 6.09 -23.20 -9.60
N LEU B 250 5.98 -22.90 -8.34
CA LEU B 250 6.76 -23.67 -7.40
C LEU B 250 6.50 -25.12 -7.58
N ASN B 251 5.25 -25.47 -7.79
CA ASN B 251 4.85 -26.85 -7.94
C ASN B 251 5.59 -27.59 -9.06
N ASN B 252 6.19 -26.88 -10.00
CA ASN B 252 6.88 -27.49 -11.11
C ASN B 252 8.40 -27.46 -11.03
N ILE B 253 8.94 -27.10 -9.88
CA ILE B 253 10.39 -27.03 -9.75
C ILE B 253 10.96 -27.81 -8.57
N ASN B 254 12.29 -28.03 -8.58
CA ASN B 254 13.01 -28.77 -7.53
C ASN B 254 13.11 -28.01 -6.22
N LYS B 255 13.00 -28.73 -5.13
CA LYS B 255 13.10 -28.12 -3.83
C LYS B 255 14.39 -27.38 -3.59
N ASN B 256 15.47 -27.89 -4.14
CA ASN B 256 16.76 -27.33 -3.92
C ASN B 256 16.94 -25.98 -4.54
N GLU B 257 16.09 -25.65 -5.49
CA GLU B 257 16.22 -24.40 -6.20
C GLU B 257 15.16 -23.44 -5.78
N PHE B 258 14.41 -23.78 -4.76
CA PHE B 258 13.37 -22.86 -4.43
C PHE B 258 13.96 -21.51 -4.12
N LYS B 259 15.06 -21.52 -3.41
CA LYS B 259 15.67 -20.27 -3.10
C LYS B 259 16.17 -19.57 -4.33
N THR B 260 16.53 -20.33 -5.35
CA THR B 260 17.02 -19.73 -6.56
C THR B 260 15.95 -18.89 -7.18
N TYR B 261 14.77 -19.48 -7.26
CA TYR B 261 13.65 -18.77 -7.84
C TYR B 261 13.46 -17.47 -7.11
N ALA B 262 13.41 -17.55 -5.79
CA ALA B 262 13.18 -16.36 -5.00
C ALA B 262 14.24 -15.30 -5.23
N GLU B 263 15.50 -15.70 -5.36
CA GLU B 263 16.52 -14.70 -5.55
C GLU B 263 16.31 -13.94 -6.82
N SER B 264 15.92 -14.64 -7.86
CA SER B 264 15.70 -13.93 -9.09
C SER B 264 14.56 -12.96 -8.93
N ILE B 265 13.54 -13.35 -8.19
CA ILE B 265 12.40 -12.46 -8.07
C ILE B 265 12.85 -11.16 -7.51
N MET B 266 13.68 -11.22 -6.51
CA MET B 266 14.17 -9.98 -5.96
C MET B 266 14.98 -9.17 -6.99
N ASP B 267 15.90 -9.82 -7.72
CA ASP B 267 16.77 -9.10 -8.68
C ASP B 267 15.97 -8.42 -9.77
N SER B 268 14.85 -9.03 -10.12
CA SER B 268 13.93 -8.53 -11.13
C SER B 268 13.33 -7.18 -10.75
N VAL B 269 13.43 -6.81 -9.49
CA VAL B 269 12.92 -5.56 -8.99
C VAL B 269 14.06 -4.63 -8.72
N LEU B 270 15.04 -5.14 -8.00
CA LEU B 270 16.20 -4.40 -7.55
C LEU B 270 16.86 -3.61 -8.66
N ASN B 271 17.00 -4.23 -9.80
CA ASN B 271 17.74 -3.60 -10.85
C ASN B 271 16.93 -2.90 -11.92
N VAL B 272 15.65 -2.64 -11.69
CA VAL B 272 14.89 -1.99 -12.75
C VAL B 272 14.03 -0.80 -12.33
N PRO B 273 13.75 0.14 -13.25
CA PRO B 273 12.82 1.26 -13.11
C PRO B 273 11.40 0.73 -13.19
N PHE B 274 10.43 1.47 -12.67
CA PHE B 274 9.05 1.00 -12.79
C PHE B 274 8.14 1.74 -13.75
N PHE B 275 7.37 0.98 -14.53
CA PHE B 275 6.32 1.50 -15.41
C PHE B 275 5.00 0.77 -15.30
N ASN B 276 3.92 1.53 -15.47
CA ASN B 276 2.56 1.05 -15.48
C ASN B 276 1.74 1.65 -16.60
N LYS B 277 2.31 1.86 -17.77
CA LYS B 277 1.51 2.50 -18.82
C LYS B 277 0.21 1.73 -19.08
N ASN B 278 0.28 0.41 -19.10
CA ASN B 278 -0.94 -0.32 -19.29
C ASN B 278 -1.42 -0.83 -17.93
N ILE B 279 -2.26 -0.05 -17.27
CA ILE B 279 -2.76 -0.41 -15.94
C ILE B 279 -3.80 -1.50 -16.02
N LEU B 280 -4.15 -1.85 -17.23
CA LEU B 280 -5.14 -2.84 -17.50
C LEU B 280 -4.45 -4.16 -17.71
N SER B 281 -3.14 -4.16 -17.64
CA SER B 281 -2.38 -5.35 -17.87
C SER B 281 -1.48 -5.68 -16.70
N HIS B 282 -0.89 -6.88 -16.70
CA HIS B 282 0.04 -7.20 -15.63
C HIS B 282 1.45 -6.95 -16.11
N SER B 283 2.29 -6.51 -15.18
CA SER B 283 3.69 -6.26 -15.46
C SER B 283 4.43 -7.54 -15.32
N PHE C 284 9.33 -5.04 -12.13
CA PHE C 284 8.64 -6.32 -12.15
C PHE C 284 7.83 -6.49 -10.88
N ASN C 285 7.97 -5.54 -9.98
CA ASN C 285 7.18 -5.55 -8.77
C ASN C 285 5.73 -5.28 -9.16
N GLY C 286 4.76 -5.85 -8.43
CA GLY C 286 3.36 -5.69 -8.77
C GLY C 286 2.87 -4.26 -8.92
N LYS C 287 3.38 -3.38 -8.09
CA LYS C 287 3.02 -1.98 -8.14
C LYS C 287 4.02 -1.23 -7.30
N LYS C 288 4.06 0.08 -7.47
CA LYS C 288 4.93 0.94 -6.68
C LYS C 288 4.62 0.90 -5.18
N SER C 289 5.67 0.83 -4.38
CA SER C 289 5.55 0.84 -2.93
C SER C 289 6.79 1.40 -2.29
N LEU C 290 6.89 1.27 -0.99
CA LEU C 290 8.00 1.88 -0.27
C LEU C 290 9.34 1.35 -0.61
N LEU C 291 9.50 0.05 -0.65
CA LEU C 291 10.83 -0.41 -0.92
C LEU C 291 11.28 0.08 -2.26
N LYS C 292 10.35 0.13 -3.18
CA LYS C 292 10.69 0.56 -4.48
C LYS C 292 11.04 2.06 -4.44
N ARG C 293 10.26 2.87 -3.75
CA ARG C 293 10.61 4.28 -3.75
C ARG C 293 11.96 4.53 -3.16
N ARG C 294 12.31 3.82 -2.11
CA ARG C 294 13.61 4.06 -1.54
C ARG C 294 14.68 3.75 -2.54
N LEU C 295 14.54 2.63 -3.21
CA LEU C 295 15.58 2.30 -4.16
C LEU C 295 15.68 3.33 -5.23
N ILE C 296 14.59 3.93 -5.61
CA ILE C 296 14.73 4.93 -6.64
C ILE C 296 15.58 6.05 -6.17
N ASN C 297 15.30 6.56 -4.98
CA ASN C 297 16.08 7.68 -4.54
C ASN C 297 17.53 7.34 -4.41
N ILE C 298 17.87 6.10 -4.12
CA ILE C 298 19.26 5.72 -4.00
C ILE C 298 20.07 6.03 -5.26
N LYS C 299 19.43 6.13 -6.41
CA LYS C 299 20.14 6.39 -7.64
C LYS C 299 20.59 7.85 -7.82
N GLU C 300 19.89 8.82 -7.24
CA GLU C 300 20.28 10.20 -7.46
C GLU C 300 20.78 10.83 -6.19
N ALA C 301 22.06 11.10 -6.12
CA ALA C 301 22.52 11.65 -4.89
C ALA C 301 21.80 12.98 -4.65
N ASN C 302 21.28 13.16 -3.46
CA ASN C 302 20.56 14.40 -3.14
C ASN C 302 21.53 15.46 -2.75
N LEU C 303 22.32 15.88 -3.71
CA LEU C 303 23.36 16.84 -3.46
C LEU C 303 22.81 18.25 -3.56
N LYS C 304 21.91 18.56 -2.63
CA LYS C 304 21.20 19.83 -2.64
C LYS C 304 21.27 20.50 -1.30
N LYS C 305 21.37 21.80 -1.31
CA LYS C 305 21.29 22.56 -0.08
C LYS C 305 19.86 23.04 0.03
N GLN C 306 19.07 22.29 0.76
CA GLN C 306 17.65 22.51 0.80
C GLN C 306 17.34 23.59 1.81
N SER C 307 17.76 24.80 1.49
CA SER C 307 17.66 25.94 2.39
C SER C 307 16.27 26.20 2.87
N LYS C 308 16.20 26.55 4.15
CA LYS C 308 15.00 26.89 4.90
C LYS C 308 14.28 28.05 4.26
N LEU C 309 14.99 28.81 3.44
CA LEU C 309 14.43 29.92 2.75
C LEU C 309 13.07 29.60 2.18
N ILE C 310 12.98 28.43 1.55
CA ILE C 310 11.78 28.07 0.86
C ILE C 310 10.69 27.65 1.84
N LEU C 311 11.05 26.84 2.81
CA LEU C 311 10.05 26.39 3.75
C LEU C 311 9.48 27.53 4.49
N ILE C 312 10.31 28.50 4.79
CA ILE C 312 9.86 29.64 5.49
C ILE C 312 8.85 30.37 4.68
N PHE C 313 9.17 30.61 3.42
CA PHE C 313 8.22 31.35 2.63
C PHE C 313 6.86 30.69 2.71
N ILE C 314 6.82 29.37 2.56
CA ILE C 314 5.56 28.70 2.63
C ILE C 314 4.95 28.78 4.01
N CYS C 315 5.74 28.56 5.04
CA CYS C 315 5.20 28.56 6.38
C CYS C 315 4.59 29.88 6.77
N ILE C 316 5.19 30.99 6.38
CA ILE C 316 4.61 32.24 6.79
C ILE C 316 3.32 32.50 6.03
N PHE C 317 3.29 32.10 4.77
CA PHE C 317 2.10 32.21 3.95
C PHE C 317 0.98 31.42 4.59
N THR C 318 1.29 30.18 4.94
CA THR C 318 0.35 29.26 5.52
C THR C 318 -0.25 29.80 6.76
N PHE C 319 0.59 30.32 7.62
CA PHE C 319 0.06 30.82 8.85
C PHE C 319 -0.92 31.94 8.58
N LEU C 320 -0.56 32.89 7.76
CA LEU C 320 -1.52 33.95 7.56
C LEU C 320 -2.85 33.42 7.10
N LEU C 321 -2.84 32.44 6.23
CA LEU C 321 -4.13 31.96 5.80
C LEU C 321 -4.96 31.41 6.92
N MET C 322 -4.36 30.84 7.96
CA MET C 322 -5.25 30.34 8.99
C MET C 322 -5.87 31.55 9.68
N VAL C 323 -5.16 32.68 9.67
CA VAL C 323 -5.65 33.88 10.31
C VAL C 323 -6.91 34.29 9.62
N ILE C 324 -6.83 34.23 8.33
CA ILE C 324 -7.94 34.57 7.54
C ILE C 324 -9.08 33.63 7.85
N GLN C 325 -8.78 32.36 8.00
CA GLN C 325 -9.84 31.41 8.27
C GLN C 325 -10.58 31.75 9.52
N SER C 326 -9.87 32.28 10.50
CA SER C 326 -10.52 32.65 11.73
C SER C 326 -11.49 33.79 11.56
N GLN C 327 -11.04 34.88 10.91
CA GLN C 327 -11.95 36.02 10.78
C GLN C 327 -13.15 35.56 10.05
N PHE C 328 -12.87 34.75 9.08
CA PHE C 328 -13.89 34.20 8.29
C PHE C 328 -14.88 33.38 9.06
N LEU C 329 -14.43 32.40 9.83
CA LEU C 329 -15.43 31.59 10.45
C LEU C 329 -15.11 30.92 11.73
N MET C 330 -15.96 31.22 12.69
CA MET C 330 -15.98 30.69 14.03
C MET C 330 -17.41 30.60 14.55
N GLY C 331 -17.58 29.86 15.63
CA GLY C 331 -18.88 29.78 16.28
C GLY C 331 -18.74 28.96 17.53
N GLN C 332 -19.82 28.87 18.30
CA GLN C 332 -19.80 28.15 19.55
C GLN C 332 -21.15 28.14 20.23
N SER C 333 -21.34 27.18 21.15
CA SER C 333 -22.54 26.98 21.97
C SER C 333 -22.61 27.87 23.20
N ILE C 334 -21.56 28.61 23.43
CA ILE C 334 -21.47 29.45 24.62
C ILE C 334 -22.52 30.55 24.59
N THR C 335 -23.09 30.75 23.43
CA THR C 335 -24.09 31.74 23.13
C THR C 335 -25.43 31.39 23.67
N ASP C 336 -25.59 30.17 24.07
CA ASP C 336 -26.89 29.70 24.42
C ASP C 336 -27.41 30.07 25.80
N TYR C 337 -27.77 31.34 25.91
CA TYR C 337 -28.36 31.90 27.11
C TYR C 337 -29.69 31.27 27.41
#